data_5UKI
#
_entry.id   5UKI
#
_cell.length_a   45.341
_cell.length_b   70.920
_cell.length_c   109.266
_cell.angle_alpha   90.00
_cell.angle_beta   90.00
_cell.angle_gamma   90.00
#
_symmetry.space_group_name_H-M   'P 21 21 21'
#
loop_
_entity.id
_entity.type
_entity.pdbx_description
1 polymer 'RNA lariat debranching enzyme, putative'
2 non-polymer 'ZINC ION'
3 non-polymer 'MANGANESE (II) ION'
4 water water
#
_entity_poly.entity_id   1
_entity_poly.type   'polypeptide(L)'
_entity_poly.pdbx_seq_one_letter_code
;GGGQHIAIVGCVHGKYREMYRQLSEYEKSTGKEISFVICTGDMQTLRYEADLVYLKVPPKYKQMGDFHLYYEGKEKAPYL
TLFIGGNHESSNVLLHLYNGGFVCFNMYYLGVCSCININGLRIVGVSGIYKSFDEKKPYTYPPSPNDVVSLFHTRNYVIQ
MLSNLSQSSQIDISLSHDWPQGIVMKGNYKQLYRFQPGFKKDGASLGSPINKVILNTLKPKYWISGHMHCEYHAEEGPTH
FIALGKIGYKNAISYLDLPLKQKTDLEYDKDWVCNLIMTWPAFSNKAQFPDLSYSISELLSKRTKELDKKIIELWEKYIG
LKIIYDSDTFDIQFTSRRFYIEKIYNELNIN
;
_entity_poly.pdbx_strand_id   A
#
loop_
_chem_comp.id
_chem_comp.type
_chem_comp.name
_chem_comp.formula
MN non-polymer 'MANGANESE (II) ION' 'Mn 2'
ZN non-polymer 'ZINC ION' 'Zn 2'
#
# COMPACT_ATOMS: atom_id res chain seq x y z
N GLY A 1 -18.78 -9.45 -18.96
CA GLY A 1 -18.25 -8.22 -18.31
C GLY A 1 -17.70 -7.30 -19.36
N GLY A 2 -17.98 -6.00 -19.24
CA GLY A 2 -17.55 -5.03 -20.24
C GLY A 2 -16.16 -4.43 -20.05
N GLY A 3 -15.76 -4.19 -18.80
CA GLY A 3 -14.54 -3.46 -18.51
C GLY A 3 -14.61 -2.81 -17.14
N GLN A 4 -13.47 -2.59 -16.51
CA GLN A 4 -13.41 -1.72 -15.37
C GLN A 4 -12.38 -0.61 -15.64
N HIS A 5 -12.70 0.58 -15.19
CA HIS A 5 -11.92 1.76 -15.38
C HIS A 5 -11.40 2.22 -14.01
N ILE A 6 -10.08 2.12 -13.80
CA ILE A 6 -9.50 2.28 -12.48
C ILE A 6 -8.64 3.56 -12.48
N ALA A 7 -8.92 4.49 -11.57
CA ALA A 7 -8.06 5.70 -11.53
C ALA A 7 -6.80 5.39 -10.74
N ILE A 8 -5.65 5.80 -11.25
CA ILE A 8 -4.39 5.58 -10.57
C ILE A 8 -3.81 6.92 -10.29
N VAL A 9 -3.41 7.15 -9.04
CA VAL A 9 -3.03 8.45 -8.56
C VAL A 9 -1.63 8.39 -7.91
N GLY A 10 -0.80 9.40 -8.18
CA GLY A 10 0.50 9.49 -7.59
C GLY A 10 0.38 10.08 -6.15
N CYS A 11 1.11 11.13 -5.86
CA CYS A 11 1.04 11.70 -4.53
C CYS A 11 -0.19 12.55 -4.27
N VAL A 12 -0.80 12.41 -3.10
CA VAL A 12 -1.92 13.28 -2.76
C VAL A 12 -1.50 14.56 -2.01
N HIS A 13 -0.59 14.43 -1.08
CA HIS A 13 -0.08 15.53 -0.24
C HIS A 13 -1.24 16.33 0.35
N GLY A 14 -2.26 15.64 0.79
CA GLY A 14 -3.36 16.27 1.51
C GLY A 14 -4.41 16.94 0.66
N LYS A 15 -4.31 16.81 -0.65
CA LYS A 15 -5.23 17.52 -1.49
C LYS A 15 -6.40 16.67 -1.97
N TYR A 16 -7.25 16.18 -1.05
CA TYR A 16 -8.31 15.26 -1.37
C TYR A 16 -9.40 15.91 -2.19
N ARG A 17 -9.89 17.07 -1.75
CA ARG A 17 -10.99 17.69 -2.50
C ARG A 17 -10.62 17.90 -3.95
N GLU A 18 -9.44 18.43 -4.19
CA GLU A 18 -8.95 18.61 -5.53
C GLU A 18 -8.85 17.28 -6.32
N MET A 19 -8.28 16.23 -5.73
CA MET A 19 -8.25 14.91 -6.39
C MET A 19 -9.61 14.47 -6.79
N TYR A 20 -10.54 14.47 -5.85
CA TYR A 20 -11.90 14.01 -6.15
C TYR A 20 -12.59 14.92 -7.16
N ARG A 21 -12.31 16.23 -7.12
CA ARG A 21 -12.86 17.10 -8.19
C ARG A 21 -12.36 16.67 -9.58
N GLN A 22 -11.10 16.41 -9.72
CA GLN A 22 -10.56 16.01 -10.99
C GLN A 22 -11.12 14.67 -11.47
N LEU A 23 -11.30 13.72 -10.56
CA LEU A 23 -11.88 12.45 -10.90
C LEU A 23 -13.33 12.60 -11.38
N SER A 24 -14.09 13.42 -10.67
CA SER A 24 -15.47 13.70 -11.08
C SER A 24 -15.55 14.35 -12.48
N GLU A 25 -14.63 15.26 -12.77
CA GLU A 25 -14.64 15.97 -14.06
C GLU A 25 -14.24 15.06 -15.20
N TYR A 26 -13.34 14.11 -14.91
CA TYR A 26 -13.05 13.05 -15.83
C TYR A 26 -14.30 12.17 -16.16
N GLU A 27 -15.08 11.80 -15.15
CA GLU A 27 -16.32 11.02 -15.42
C GLU A 27 -17.33 11.80 -16.28
N LYS A 28 -17.51 13.06 -15.89
CA LYS A 28 -18.40 14.00 -16.57
C LYS A 28 -18.06 14.08 -18.03
N SER A 29 -16.81 14.31 -18.38
CA SER A 29 -16.45 14.56 -19.75
C SER A 29 -16.20 13.30 -20.57
N THR A 30 -15.95 12.17 -19.95
CA THR A 30 -15.74 10.96 -20.72
C THR A 30 -16.98 10.10 -20.78
N GLY A 31 -17.91 10.32 -19.85
CA GLY A 31 -19.00 9.39 -19.55
C GLY A 31 -18.56 8.06 -18.99
N LYS A 32 -17.29 7.88 -18.64
CA LYS A 32 -16.84 6.62 -18.08
C LYS A 32 -17.10 6.59 -16.58
N GLU A 33 -17.32 5.39 -16.07
CA GLU A 33 -17.50 5.20 -14.66
C GLU A 33 -16.18 4.72 -13.99
N ILE A 34 -15.71 5.46 -13.01
CA ILE A 34 -14.55 5.02 -12.23
C ILE A 34 -15.00 3.88 -11.24
N SER A 35 -14.41 2.72 -11.36
CA SER A 35 -14.77 1.58 -10.48
C SER A 35 -14.27 1.80 -9.08
N PHE A 36 -13.00 2.15 -9.00
CA PHE A 36 -12.35 2.48 -7.80
C PHE A 36 -11.05 3.26 -8.10
N VAL A 37 -10.39 3.74 -7.02
CA VAL A 37 -9.23 4.61 -7.12
C VAL A 37 -8.12 3.96 -6.34
N ILE A 38 -6.90 4.06 -6.88
CA ILE A 38 -5.72 3.59 -6.17
C ILE A 38 -4.76 4.76 -6.10
N CYS A 39 -4.19 4.97 -4.89
CA CYS A 39 -3.23 6.05 -4.61
C CYS A 39 -1.92 5.51 -4.10
N THR A 40 -0.82 6.03 -4.64
CA THR A 40 0.50 5.56 -4.33
C THR A 40 1.20 6.24 -3.14
N GLY A 41 0.50 7.13 -2.45
CA GLY A 41 0.88 7.56 -1.10
C GLY A 41 0.98 9.07 -0.94
N ASP A 42 1.63 9.46 0.15
CA ASP A 42 1.62 10.82 0.71
C ASP A 42 0.19 11.25 1.01
N MET A 43 -0.45 10.43 1.82
CA MET A 43 -1.86 10.53 2.06
C MET A 43 -2.19 11.53 3.20
N GLN A 44 -1.24 11.75 4.06
CA GLN A 44 -1.35 12.79 5.09
C GLN A 44 -2.64 12.63 5.85
N THR A 45 -2.90 11.43 6.42
CA THR A 45 -4.22 11.13 7.02
C THR A 45 -4.30 11.60 8.48
N LEU A 46 -4.09 12.91 8.66
CA LEU A 46 -4.10 13.51 9.98
C LEU A 46 -5.53 13.70 10.41
N ARG A 47 -5.93 13.05 11.51
CA ARG A 47 -7.31 13.17 12.03
C ARG A 47 -7.62 14.51 12.69
N TYR A 48 -6.60 15.05 13.34
CA TYR A 48 -6.72 16.28 14.16
C TYR A 48 -5.31 16.81 14.46
N GLU A 49 -5.25 18.03 14.98
CA GLU A 49 -3.99 18.73 15.15
C GLU A 49 -2.96 18.00 15.97
N ALA A 50 -3.37 17.13 16.88
CA ALA A 50 -2.47 16.26 17.64
C ALA A 50 -1.59 15.31 16.79
N ASP A 51 -2.12 14.84 15.66
CA ASP A 51 -1.36 14.02 14.73
C ASP A 51 -0.23 14.77 13.98
N LEU A 52 -0.21 16.12 13.97
CA LEU A 52 0.88 16.90 13.33
C LEU A 52 2.29 16.50 13.71
N VAL A 53 2.49 16.09 14.95
CA VAL A 53 3.80 15.63 15.42
C VAL A 53 4.33 14.39 14.68
N TYR A 54 3.43 13.64 14.01
CA TYR A 54 3.85 12.43 13.31
C TYR A 54 4.10 12.58 11.81
N LEU A 55 3.98 13.80 11.31
CA LEU A 55 4.14 14.20 9.88
C LEU A 55 5.51 14.89 9.70
N LYS A 56 6.38 14.25 8.90
CA LYS A 56 7.71 14.70 8.59
C LYS A 56 7.74 15.64 7.36
N VAL A 57 7.42 16.89 7.60
CA VAL A 57 7.43 17.97 6.59
C VAL A 57 8.07 19.15 7.35
N PRO A 58 8.87 19.96 6.65
CA PRO A 58 9.51 21.11 7.37
C PRO A 58 8.49 21.99 8.00
N PRO A 59 8.78 22.50 9.22
CA PRO A 59 7.73 23.22 9.94
C PRO A 59 7.15 24.40 9.16
N LYS A 60 7.96 25.14 8.43
CA LYS A 60 7.43 26.23 7.58
C LYS A 60 6.36 25.76 6.57
N TYR A 61 6.34 24.47 6.18
CA TYR A 61 5.36 24.01 5.15
C TYR A 61 4.27 23.06 5.69
N LYS A 62 4.37 22.68 6.96
CA LYS A 62 3.52 21.70 7.56
C LYS A 62 2.07 22.21 7.69
N GLN A 63 1.12 21.45 7.16
CA GLN A 63 -0.30 21.80 7.29
C GLN A 63 -1.11 20.53 7.51
N MET A 64 -2.38 20.70 7.85
CA MET A 64 -3.27 19.56 8.03
C MET A 64 -3.68 18.90 6.70
N GLY A 65 -3.82 19.66 5.66
CA GLY A 65 -4.47 19.18 4.42
C GLY A 65 -5.93 18.88 4.68
N ASP A 66 -6.58 18.20 3.74
CA ASP A 66 -8.02 18.00 3.71
C ASP A 66 -8.55 16.80 4.45
N PHE A 67 -7.68 15.91 4.87
CA PHE A 67 -8.13 14.59 5.32
C PHE A 67 -9.13 14.69 6.44
N HIS A 68 -8.83 15.57 7.39
CA HIS A 68 -9.66 15.68 8.58
C HIS A 68 -11.11 15.97 8.22
N LEU A 69 -11.36 16.66 7.11
CA LEU A 69 -12.73 16.90 6.65
C LEU A 69 -13.49 15.62 6.32
N TYR A 70 -12.75 14.62 5.82
CA TYR A 70 -13.31 13.31 5.50
C TYR A 70 -13.44 12.52 6.79
N TYR A 71 -12.44 12.59 7.65
CA TYR A 71 -12.46 11.86 8.94
C TYR A 71 -13.67 12.29 9.75
N GLU A 72 -13.95 13.59 9.75
CA GLU A 72 -15.10 14.17 10.51
C GLU A 72 -16.42 14.02 9.77
N GLY A 73 -16.42 13.56 8.54
CA GLY A 73 -17.64 13.45 7.82
C GLY A 73 -18.18 14.71 7.18
N LYS A 74 -17.42 15.78 7.18
CA LYS A 74 -17.84 16.98 6.40
C LYS A 74 -17.72 16.83 4.87
N GLU A 75 -16.81 15.99 4.43
CA GLU A 75 -16.75 15.58 3.04
C GLU A 75 -16.85 14.05 3.04
N LYS A 76 -17.21 13.50 1.90
CA LYS A 76 -17.38 12.07 1.79
C LYS A 76 -16.74 11.62 0.46
N ALA A 77 -15.76 10.73 0.55
CA ALA A 77 -15.09 10.21 -0.64
C ALA A 77 -16.10 9.59 -1.61
N PRO A 78 -16.20 10.07 -2.83
CA PRO A 78 -17.14 9.56 -3.81
C PRO A 78 -16.77 8.28 -4.46
N TYR A 79 -15.52 7.81 -4.30
CA TYR A 79 -15.08 6.50 -4.80
C TYR A 79 -14.33 5.73 -3.72
N LEU A 80 -14.42 4.41 -3.79
CA LEU A 80 -13.54 3.58 -2.97
C LEU A 80 -12.13 3.85 -3.37
N THR A 81 -11.34 4.24 -2.39
CA THR A 81 -9.97 4.68 -2.57
C THR A 81 -9.05 3.77 -1.74
N LEU A 82 -8.18 3.00 -2.46
CA LEU A 82 -7.22 2.12 -1.87
C LEU A 82 -5.85 2.81 -1.92
N PHE A 83 -5.15 2.77 -0.84
CA PHE A 83 -3.83 3.46 -0.80
C PHE A 83 -2.76 2.74 0.06
N ILE A 84 -1.52 3.15 -0.18
CA ILE A 84 -0.33 2.82 0.57
C ILE A 84 0.23 4.13 1.14
N GLY A 85 1.16 3.99 2.07
CA GLY A 85 1.82 5.11 2.68
C GLY A 85 3.06 5.52 1.95
N GLY A 86 3.30 6.83 1.97
CA GLY A 86 4.54 7.40 1.45
C GLY A 86 5.44 7.97 2.53
N ASN A 87 6.02 9.12 2.24
CA ASN A 87 6.83 9.84 3.22
C ASN A 87 6.12 11.00 3.92
N HIS A 88 4.98 11.44 3.47
CA HIS A 88 4.19 12.45 4.16
C HIS A 88 2.89 11.83 4.67
N GLU A 89 2.97 11.33 5.91
CA GLU A 89 1.89 10.57 6.49
C GLU A 89 1.69 10.97 7.96
N SER A 90 0.47 10.79 8.43
CA SER A 90 0.24 10.66 9.93
C SER A 90 0.72 9.28 10.33
N SER A 91 2.00 9.14 10.60
CA SER A 91 2.60 7.82 10.69
C SER A 91 2.16 6.95 11.85
N ASN A 92 1.66 7.60 12.88
CA ASN A 92 1.04 6.93 14.00
C ASN A 92 -0.18 6.18 13.58
N VAL A 93 -1.03 6.85 12.81
CA VAL A 93 -2.28 6.27 12.27
C VAL A 93 -1.93 5.02 11.49
N LEU A 94 -0.93 5.14 10.61
CA LEU A 94 -0.57 4.03 9.75
C LEU A 94 0.00 2.88 10.53
N LEU A 95 0.72 3.15 11.61
CA LEU A 95 1.26 2.07 12.37
C LEU A 95 0.14 1.32 13.17
N HIS A 96 -0.86 2.03 13.72
CA HIS A 96 -2.06 1.39 14.34
C HIS A 96 -2.72 0.45 13.31
N LEU A 97 -2.75 0.93 12.06
CA LEU A 97 -3.26 0.15 10.93
C LEU A 97 -2.21 -0.55 10.13
N TYR A 98 -1.15 -1.03 10.74
CA TYR A 98 -0.13 -1.73 9.94
C TYR A 98 -0.66 -2.98 9.25
N ASN A 99 -1.76 -3.57 9.75
CA ASN A 99 -2.37 -4.71 9.11
C ASN A 99 -3.54 -4.20 8.22
N GLY A 100 -3.50 -2.92 7.85
CA GLY A 100 -4.46 -2.35 6.92
C GLY A 100 -5.70 -1.89 7.66
N GLY A 101 -6.53 -1.12 6.99
CA GLY A 101 -7.77 -0.63 7.63
C GLY A 101 -8.34 0.58 6.92
N PHE A 102 -9.63 0.82 7.14
CA PHE A 102 -10.25 1.99 6.64
C PHE A 102 -9.94 3.13 7.54
N VAL A 103 -9.41 4.20 6.98
CA VAL A 103 -9.21 5.42 7.78
C VAL A 103 -10.45 6.33 7.93
N CYS A 104 -11.43 6.12 7.06
CA CYS A 104 -12.68 6.75 7.02
C CYS A 104 -13.44 6.07 5.86
N PHE A 105 -14.68 6.51 5.67
CA PHE A 105 -15.53 5.92 4.64
C PHE A 105 -14.86 5.97 3.26
N ASN A 106 -14.81 4.80 2.63
CA ASN A 106 -14.29 4.66 1.25
C ASN A 106 -12.77 4.93 1.15
N MET A 107 -12.04 4.90 2.24
CA MET A 107 -10.57 5.05 2.14
C MET A 107 -9.88 3.95 2.91
N TYR A 108 -9.26 3.04 2.16
CA TYR A 108 -8.71 1.82 2.75
C TYR A 108 -7.19 1.74 2.60
N TYR A 109 -6.50 1.73 3.71
CA TYR A 109 -5.02 1.57 3.76
C TYR A 109 -4.58 0.15 3.66
N LEU A 110 -3.68 -0.22 2.72
CA LEU A 110 -3.22 -1.62 2.61
C LEU A 110 -2.21 -2.13 3.68
N GLY A 111 -1.84 -1.27 4.59
CA GLY A 111 -0.87 -1.59 5.65
C GLY A 111 0.55 -1.37 5.20
N VAL A 112 1.44 -1.90 6.01
CA VAL A 112 2.84 -1.96 5.67
C VAL A 112 3.02 -2.58 4.30
N CYS A 113 2.42 -3.75 4.14
CA CYS A 113 2.27 -4.38 2.86
C CYS A 113 1.12 -5.39 3.00
N SER A 114 0.52 -5.72 1.88
CA SER A 114 -0.48 -6.75 1.78
C SER A 114 -0.83 -6.97 0.34
N CYS A 115 -1.64 -8.02 0.06
CA CYS A 115 -2.36 -8.14 -1.16
C CYS A 115 -3.85 -8.13 -0.86
N ILE A 116 -4.64 -7.46 -1.70
CA ILE A 116 -6.10 -7.49 -1.63
C ILE A 116 -6.68 -8.01 -2.96
N ASN A 117 -7.99 -8.32 -2.99
CA ASN A 117 -8.72 -8.66 -4.21
C ASN A 117 -9.86 -7.70 -4.43
N ILE A 118 -10.07 -7.29 -5.66
CA ILE A 118 -11.30 -6.53 -6.06
C ILE A 118 -11.57 -6.82 -7.52
N ASN A 119 -12.82 -7.14 -7.84
CA ASN A 119 -13.25 -7.41 -9.24
C ASN A 119 -12.35 -8.38 -9.95
N GLY A 120 -11.93 -9.40 -9.27
CA GLY A 120 -11.12 -10.43 -9.85
C GLY A 120 -9.65 -10.10 -9.99
N LEU A 121 -9.24 -8.91 -9.51
CA LEU A 121 -7.84 -8.48 -9.56
C LEU A 121 -7.13 -8.72 -8.28
N ARG A 122 -5.83 -9.05 -8.32
CA ARG A 122 -5.04 -9.17 -7.12
C ARG A 122 -4.05 -7.98 -7.14
N ILE A 123 -4.05 -7.24 -6.05
CA ILE A 123 -3.31 -5.96 -5.92
C ILE A 123 -2.43 -5.96 -4.68
N VAL A 124 -1.12 -5.75 -4.88
CA VAL A 124 -0.12 -5.75 -3.85
C VAL A 124 0.26 -4.29 -3.58
N GLY A 125 0.43 -3.98 -2.32
CA GLY A 125 0.92 -2.68 -1.91
C GLY A 125 2.12 -2.79 -1.00
N VAL A 126 3.12 -1.93 -1.25
CA VAL A 126 4.33 -1.80 -0.45
C VAL A 126 4.49 -0.33 -0.02
N SER A 127 4.30 -0.07 1.24
CA SER A 127 4.39 1.27 1.77
C SER A 127 5.86 1.76 2.01
N GLY A 128 5.98 3.07 2.08
CA GLY A 128 7.17 3.81 2.54
C GLY A 128 8.15 4.14 1.40
N ILE A 129 9.25 4.73 1.81
CA ILE A 129 10.40 4.93 0.96
C ILE A 129 11.63 4.31 1.61
N TYR A 130 12.63 4.09 0.79
CA TYR A 130 13.79 3.38 1.20
C TYR A 130 14.82 4.21 1.93
N LYS A 131 15.26 3.71 3.07
CA LYS A 131 16.45 4.24 3.74
C LYS A 131 17.26 3.06 4.30
N SER A 132 18.48 2.89 3.78
CA SER A 132 19.29 1.66 4.07
C SER A 132 19.43 1.41 5.56
N PHE A 133 19.66 2.50 6.30
CA PHE A 133 19.96 2.41 7.72
C PHE A 133 18.81 1.82 8.50
N ASP A 134 17.58 2.01 7.98
CA ASP A 134 16.39 1.54 8.71
C ASP A 134 15.76 0.24 8.24
N GLU A 135 16.34 -0.41 7.24
CA GLU A 135 15.68 -1.52 6.58
C GLU A 135 15.52 -2.76 7.44
N LYS A 136 16.23 -2.80 8.56
CA LYS A 136 16.19 -3.93 9.50
C LYS A 136 15.78 -3.46 10.86
N LYS A 137 15.29 -2.24 10.98
CA LYS A 137 14.79 -1.82 12.26
C LYS A 137 13.36 -2.36 12.48
N PRO A 138 13.04 -2.74 13.72
CA PRO A 138 11.64 -3.08 14.02
C PRO A 138 10.80 -1.85 14.16
N TYR A 139 9.49 -2.07 14.17
CA TYR A 139 8.55 -1.06 14.56
C TYR A 139 8.42 -1.19 16.05
N THR A 140 8.32 -0.07 16.73
CA THR A 140 8.06 -0.05 18.19
C THR A 140 6.70 0.55 18.40
N TYR A 141 5.94 0.00 19.33
CA TYR A 141 4.56 0.37 19.50
C TYR A 141 4.22 0.50 20.99
N PRO A 142 3.39 1.46 21.39
CA PRO A 142 2.65 2.46 20.59
C PRO A 142 3.62 3.45 19.92
N PRO A 143 3.14 4.19 18.91
CA PRO A 143 4.05 5.11 18.24
C PRO A 143 4.50 6.22 19.18
N SER A 144 5.69 6.76 19.00
CA SER A 144 6.03 7.97 19.77
C SER A 144 6.72 9.00 18.87
N PRO A 145 6.62 10.29 19.22
CA PRO A 145 7.10 11.36 18.32
C PRO A 145 8.55 11.26 17.85
N ASN A 146 9.40 10.58 18.60
CA ASN A 146 10.77 10.24 18.17
C ASN A 146 10.85 9.47 16.87
N ASP A 147 9.77 8.76 16.56
CA ASP A 147 9.83 7.85 15.46
C ASP A 147 9.38 8.51 14.14
N VAL A 148 9.08 9.81 14.17
CA VAL A 148 8.58 10.49 13.00
C VAL A 148 9.54 10.34 11.82
N VAL A 149 10.83 10.29 12.10
CA VAL A 149 11.83 10.26 11.04
C VAL A 149 12.01 8.88 10.46
N SER A 150 11.61 7.83 11.19
CA SER A 150 11.87 6.49 10.78
C SER A 150 10.64 5.65 10.42
N LEU A 151 9.48 6.03 10.88
CA LEU A 151 8.27 5.14 10.74
C LEU A 151 7.92 4.80 9.28
N PHE A 152 8.21 5.77 8.40
CA PHE A 152 7.87 5.63 6.95
C PHE A 152 8.92 5.01 6.04
N HIS A 153 10.00 4.47 6.61
CA HIS A 153 11.02 3.83 5.83
C HIS A 153 10.65 2.38 5.69
N THR A 154 10.66 1.90 4.48
CA THR A 154 10.34 0.54 4.12
C THR A 154 11.34 -0.47 4.76
N ARG A 155 10.77 -1.41 5.50
CA ARG A 155 11.53 -2.54 6.00
C ARG A 155 11.78 -3.67 5.00
N ASN A 156 12.96 -4.22 5.10
CA ASN A 156 13.38 -5.34 4.30
C ASN A 156 12.44 -6.53 4.43
N TYR A 157 11.81 -6.68 5.59
CA TYR A 157 10.99 -7.89 5.86
C TYR A 157 9.82 -8.01 4.90
N VAL A 158 9.41 -6.89 4.34
CA VAL A 158 8.33 -6.99 3.36
C VAL A 158 8.64 -7.87 2.19
N ILE A 159 9.92 -8.02 1.80
CA ILE A 159 10.23 -8.90 0.69
C ILE A 159 9.86 -10.36 0.95
N GLN A 160 10.17 -10.81 2.14
CA GLN A 160 9.89 -12.19 2.56
C GLN A 160 8.36 -12.42 2.70
N MET A 161 7.66 -11.39 3.20
CA MET A 161 6.20 -11.42 3.33
C MET A 161 5.52 -11.57 1.97
N LEU A 162 6.04 -10.91 0.95
CA LEU A 162 5.38 -10.82 -0.32
C LEU A 162 5.81 -11.82 -1.43
N SER A 163 7.01 -12.35 -1.36
CA SER A 163 7.63 -13.02 -2.52
C SER A 163 6.95 -14.30 -3.06
N ASN A 164 6.18 -15.01 -2.21
CA ASN A 164 5.45 -16.21 -2.67
C ASN A 164 4.08 -15.92 -3.30
N LEU A 165 3.75 -14.65 -3.53
CA LEU A 165 2.34 -14.34 -3.78
C LEU A 165 1.91 -14.61 -5.19
N SER A 166 2.86 -14.74 -6.14
CA SER A 166 2.50 -15.03 -7.53
C SER A 166 2.61 -16.53 -7.80
N GLN A 167 2.75 -17.34 -6.78
CA GLN A 167 2.97 -18.76 -7.06
C GLN A 167 1.69 -19.46 -7.62
N SER A 168 0.52 -19.09 -7.12
CA SER A 168 -0.72 -19.67 -7.60
C SER A 168 -1.33 -18.90 -8.79
N SER A 169 -1.17 -17.58 -8.83
CA SER A 169 -1.69 -16.81 -9.95
C SER A 169 -0.92 -15.54 -10.00
N GLN A 170 -1.01 -14.89 -11.13
CA GLN A 170 -0.23 -13.69 -11.36
C GLN A 170 -0.85 -12.50 -10.59
N ILE A 171 0.00 -11.58 -10.20
CA ILE A 171 -0.46 -10.33 -9.55
C ILE A 171 -0.82 -9.39 -10.65
N ASP A 172 -2.00 -8.76 -10.60
CA ASP A 172 -2.38 -7.80 -11.60
C ASP A 172 -1.64 -6.49 -11.47
N ILE A 173 -1.61 -6.00 -10.24
CA ILE A 173 -1.05 -4.65 -10.01
C ILE A 173 -0.30 -4.64 -8.69
N SER A 174 0.90 -4.04 -8.68
CA SER A 174 1.61 -3.76 -7.48
C SER A 174 1.82 -2.24 -7.39
N LEU A 175 1.76 -1.72 -6.17
CA LEU A 175 1.83 -0.27 -5.86
C LEU A 175 3.03 -0.08 -4.94
N SER A 176 3.85 0.93 -5.23
CA SER A 176 4.84 1.37 -4.24
C SER A 176 4.93 2.89 -4.30
N HIS A 177 5.57 3.50 -3.32
CA HIS A 177 5.65 4.92 -3.29
C HIS A 177 6.89 5.37 -4.08
N ASP A 178 8.07 5.06 -3.58
CA ASP A 178 9.29 5.26 -4.41
C ASP A 178 9.39 4.19 -5.50
N TRP A 179 10.19 4.48 -6.51
CA TRP A 179 10.19 3.70 -7.74
C TRP A 179 11.06 2.47 -7.43
N PRO A 180 10.81 1.37 -8.12
CA PRO A 180 11.75 0.25 -8.10
C PRO A 180 13.12 0.69 -8.60
N GLN A 181 14.13 0.43 -7.80
CA GLN A 181 15.51 0.79 -8.22
C GLN A 181 15.87 0.18 -9.56
N GLY A 182 16.52 1.02 -10.39
CA GLY A 182 16.89 0.59 -11.73
C GLY A 182 15.89 0.74 -12.85
N ILE A 183 14.60 0.95 -12.55
CA ILE A 183 13.60 0.94 -13.60
C ILE A 183 13.71 2.20 -14.46
N VAL A 184 14.34 3.22 -13.94
CA VAL A 184 14.63 4.41 -14.72
C VAL A 184 15.32 4.07 -16.08
N MET A 185 16.20 3.09 -16.07
CA MET A 185 16.95 2.72 -17.29
C MET A 185 16.11 2.02 -18.32
N LYS A 186 14.89 1.61 -18.00
CA LYS A 186 14.02 0.93 -18.96
C LYS A 186 13.00 1.80 -19.65
N GLY A 187 13.09 3.12 -19.48
CA GLY A 187 12.19 4.07 -20.19
C GLY A 187 13.00 5.10 -20.96
N ASN A 188 12.38 6.23 -21.29
CA ASN A 188 13.07 7.31 -21.95
C ASN A 188 13.77 8.19 -20.95
N TYR A 189 14.82 7.63 -20.38
CA TYR A 189 15.54 8.30 -19.32
C TYR A 189 16.21 9.63 -19.74
N LYS A 190 16.64 9.69 -20.99
CA LYS A 190 17.17 10.92 -21.54
C LYS A 190 16.13 12.02 -21.46
N GLN A 191 14.92 11.73 -21.91
CA GLN A 191 13.82 12.72 -21.83
C GLN A 191 13.57 13.09 -20.37
N LEU A 192 13.60 12.08 -19.49
CA LEU A 192 13.37 12.35 -18.09
C LEU A 192 14.41 13.30 -17.47
N TYR A 193 15.69 13.09 -17.81
CA TYR A 193 16.79 13.90 -17.28
C TYR A 193 16.81 15.37 -17.87
N ARG A 194 16.09 15.61 -18.96
CA ARG A 194 15.89 16.98 -19.40
C ARG A 194 14.90 17.70 -18.49
N PHE A 195 13.79 17.03 -18.18
CA PHE A 195 12.82 17.58 -17.27
C PHE A 195 13.37 17.68 -15.86
N GLN A 196 14.18 16.71 -15.46
CA GLN A 196 14.55 16.56 -14.06
C GLN A 196 16.04 16.31 -13.96
N PRO A 197 16.87 17.31 -14.27
CA PRO A 197 18.30 16.97 -14.40
C PRO A 197 18.95 16.49 -13.07
N GLY A 198 18.31 16.80 -11.95
CA GLY A 198 18.72 16.29 -10.66
C GLY A 198 18.73 14.76 -10.59
N PHE A 199 17.96 14.08 -11.44
CA PHE A 199 17.92 12.60 -11.37
C PHE A 199 19.15 11.96 -11.95
N LYS A 200 19.82 12.67 -12.85
CA LYS A 200 20.99 12.17 -13.57
C LYS A 200 22.09 11.68 -12.61
N LYS A 201 22.35 12.48 -11.59
CA LYS A 201 23.25 12.11 -10.49
C LYS A 201 23.13 10.61 -10.05
N ASP A 202 21.89 10.14 -9.86
CA ASP A 202 21.67 8.82 -9.29
C ASP A 202 21.82 7.73 -10.33
N GLY A 203 21.70 8.06 -11.61
CA GLY A 203 21.72 7.03 -12.64
C GLY A 203 20.79 5.84 -12.30
N ALA A 204 21.33 4.63 -12.46
CA ALA A 204 20.57 3.39 -12.34
C ALA A 204 20.18 3.07 -10.90
N SER A 205 20.82 3.73 -9.93
CA SER A 205 20.57 3.49 -8.52
C SER A 205 19.36 4.28 -7.97
N LEU A 206 18.79 5.16 -8.78
CA LEU A 206 17.57 5.91 -8.42
C LEU A 206 16.47 4.92 -8.02
N GLY A 207 15.90 5.10 -6.81
CA GLY A 207 14.74 4.32 -6.35
C GLY A 207 15.12 3.26 -5.30
N SER A 208 14.15 2.44 -4.93
CA SER A 208 14.22 1.49 -3.82
C SER A 208 14.71 0.10 -4.22
N PRO A 209 15.82 -0.39 -3.59
CA PRO A 209 16.23 -1.79 -3.85
C PRO A 209 15.19 -2.78 -3.44
N ILE A 210 14.40 -2.46 -2.43
CA ILE A 210 13.32 -3.38 -1.98
C ILE A 210 12.21 -3.52 -3.01
N ASN A 211 11.75 -2.39 -3.56
CA ASN A 211 10.76 -2.45 -4.63
C ASN A 211 11.29 -3.11 -5.88
N LYS A 212 12.59 -2.96 -6.12
CA LYS A 212 13.21 -3.68 -7.26
C LYS A 212 13.09 -5.21 -7.05
N VAL A 213 13.40 -5.70 -5.87
CA VAL A 213 13.40 -7.17 -5.66
C VAL A 213 11.99 -7.71 -5.83
N ILE A 214 11.04 -6.95 -5.27
CA ILE A 214 9.63 -7.36 -5.36
C ILE A 214 9.10 -7.39 -6.78
N LEU A 215 9.43 -6.38 -7.58
CA LEU A 215 9.03 -6.33 -8.95
C LEU A 215 9.59 -7.57 -9.72
N ASN A 216 10.88 -7.83 -9.52
CA ASN A 216 11.58 -8.96 -10.10
CA ASN A 216 11.46 -8.93 -10.27
C ASN A 216 10.91 -10.30 -9.78
N THR A 217 10.51 -10.42 -8.52
CA THR A 217 9.92 -11.67 -8.03
C THR A 217 8.49 -11.90 -8.49
N LEU A 218 7.63 -10.87 -8.33
CA LEU A 218 6.19 -11.06 -8.59
C LEU A 218 5.83 -10.90 -10.02
N LYS A 219 6.62 -10.08 -10.75
CA LYS A 219 6.38 -9.74 -12.14
C LYS A 219 4.93 -9.47 -12.45
N PRO A 220 4.37 -8.46 -11.76
CA PRO A 220 2.97 -8.08 -12.02
C PRO A 220 2.72 -7.50 -13.40
N LYS A 221 1.48 -7.49 -13.85
CA LYS A 221 1.16 -6.86 -15.11
C LYS A 221 1.49 -5.39 -15.06
N TYR A 222 1.24 -4.78 -13.88
CA TYR A 222 1.46 -3.33 -13.71
C TYR A 222 2.15 -3.11 -12.44
N TRP A 223 3.08 -2.14 -12.44
CA TRP A 223 3.66 -1.64 -11.20
C TRP A 223 3.50 -0.14 -11.29
N ILE A 224 2.92 0.42 -10.23
CA ILE A 224 2.61 1.84 -10.18
C ILE A 224 3.33 2.45 -9.04
N SER A 225 3.93 3.62 -9.29
CA SER A 225 4.64 4.37 -8.24
C SER A 225 4.40 5.88 -8.36
N GLY A 226 4.75 6.62 -7.31
CA GLY A 226 4.63 8.06 -7.26
C GLY A 226 5.94 8.68 -6.77
N HIS A 227 5.85 9.54 -5.75
CA HIS A 227 6.92 10.18 -5.01
C HIS A 227 7.75 11.20 -5.79
N MET A 228 8.10 10.90 -7.04
CA MET A 228 9.11 11.73 -7.78
C MET A 228 8.48 12.95 -8.46
N HIS A 229 7.14 13.07 -8.47
CA HIS A 229 6.48 14.24 -9.06
C HIS A 229 6.69 14.39 -10.58
N CYS A 230 6.87 13.28 -11.26
CA CYS A 230 6.81 13.29 -12.71
C CYS A 230 6.23 12.00 -13.23
N GLU A 231 5.72 12.09 -14.45
CA GLU A 231 5.21 10.96 -15.18
C GLU A 231 6.40 10.20 -15.71
N TYR A 232 6.30 8.89 -15.77
CA TYR A 232 7.28 8.03 -16.49
C TYR A 232 6.65 6.67 -16.77
N HIS A 233 7.07 6.03 -17.83
CA HIS A 233 6.57 4.72 -18.28
C HIS A 233 7.84 3.91 -18.59
N ALA A 234 7.90 2.65 -18.15
CA ALA A 234 8.94 1.72 -18.60
C ALA A 234 8.38 0.31 -18.69
N GLU A 235 9.03 -0.53 -19.47
CA GLU A 235 8.61 -1.91 -19.66
C GLU A 235 9.73 -2.70 -19.07
N GLU A 236 9.42 -3.58 -18.14
CA GLU A 236 10.38 -4.51 -17.65
C GLU A 236 9.80 -5.91 -17.77
N GLY A 237 10.25 -6.65 -18.78
CA GLY A 237 9.64 -7.95 -19.07
C GLY A 237 8.13 -7.88 -19.23
N PRO A 238 7.38 -8.67 -18.46
CA PRO A 238 5.92 -8.64 -18.63
C PRO A 238 5.26 -7.49 -17.84
N THR A 239 6.05 -6.69 -17.14
CA THR A 239 5.53 -5.62 -16.24
C THR A 239 5.57 -4.24 -16.91
N HIS A 240 4.39 -3.61 -16.97
CA HIS A 240 4.27 -2.21 -17.38
C HIS A 240 4.46 -1.33 -16.14
N PHE A 241 5.53 -0.56 -16.10
CA PHE A 241 5.80 0.40 -14.99
C PHE A 241 5.22 1.76 -15.34
N ILE A 242 4.51 2.35 -14.37
CA ILE A 242 3.94 3.65 -14.56
C ILE A 242 4.23 4.45 -13.31
N ALA A 243 4.76 5.65 -13.47
CA ALA A 243 4.98 6.55 -12.39
C ALA A 243 4.13 7.76 -12.62
N LEU A 244 3.62 8.33 -11.56
CA LEU A 244 2.61 9.37 -11.59
C LEU A 244 3.10 10.54 -10.73
N GLY A 245 2.58 11.71 -11.09
CA GLY A 245 2.89 12.99 -10.46
C GLY A 245 2.09 13.25 -9.18
N LYS A 246 1.95 14.52 -8.83
CA LYS A 246 1.28 14.96 -7.59
C LYS A 246 0.10 15.83 -7.88
N ILE A 247 -0.97 15.53 -7.14
CA ILE A 247 -2.23 16.25 -7.29
C ILE A 247 -2.01 17.78 -7.27
N GLY A 248 -2.60 18.41 -8.26
CA GLY A 248 -2.41 19.85 -8.46
C GLY A 248 -1.43 20.12 -9.57
N TYR A 249 -0.66 19.11 -9.96
CA TYR A 249 0.30 19.20 -11.04
C TYR A 249 -0.02 18.22 -12.21
N LYS A 250 0.65 18.36 -13.36
CA LYS A 250 0.28 17.55 -14.52
C LYS A 250 0.63 16.08 -14.27
N ASN A 251 -0.16 15.21 -14.90
CA ASN A 251 0.06 13.78 -14.97
C ASN A 251 0.03 13.13 -13.55
N ALA A 252 -0.76 13.68 -12.64
CA ALA A 252 -0.93 13.09 -11.30
C ALA A 252 -1.88 11.93 -11.34
N ILE A 253 -2.80 11.93 -12.32
CA ILE A 253 -3.81 10.87 -12.39
C ILE A 253 -3.81 10.24 -13.78
N SER A 254 -3.89 8.94 -13.81
CA SER A 254 -4.09 8.23 -15.09
C SER A 254 -5.18 7.18 -14.83
N TYR A 255 -5.49 6.36 -15.83
CA TYR A 255 -6.58 5.38 -15.76
C TYR A 255 -6.20 4.08 -16.41
N LEU A 256 -6.51 2.99 -15.77
CA LEU A 256 -6.27 1.67 -16.33
C LEU A 256 -7.64 1.15 -16.81
N ASP A 257 -7.72 0.65 -18.02
CA ASP A 257 -8.98 0.10 -18.55
CA ASP A 257 -8.94 0.02 -18.50
C ASP A 257 -8.68 -1.41 -18.58
N LEU A 258 -9.26 -2.18 -17.66
CA LEU A 258 -8.99 -3.59 -17.57
C LEU A 258 -10.24 -4.42 -17.75
N PRO A 259 -10.06 -5.68 -18.15
CA PRO A 259 -11.23 -6.56 -18.24
C PRO A 259 -11.90 -6.65 -16.88
N LEU A 260 -13.21 -6.82 -16.86
CA LEU A 260 -13.91 -7.03 -15.60
C LEU A 260 -14.07 -8.53 -15.43
N LYS A 261 -13.05 -9.15 -14.86
CA LYS A 261 -12.96 -10.60 -14.74
C LYS A 261 -14.07 -11.16 -13.88
N GLN A 262 -14.35 -10.47 -12.76
CA GLN A 262 -15.52 -10.75 -11.96
C GLN A 262 -15.95 -9.40 -11.33
N LYS A 263 -17.16 -9.28 -10.83
CA LYS A 263 -17.55 -8.08 -10.09
C LYS A 263 -17.65 -8.57 -8.65
N THR A 264 -16.79 -8.12 -7.75
CA THR A 264 -16.84 -8.60 -6.38
C THR A 264 -16.41 -7.41 -5.59
N ASP A 265 -16.86 -7.35 -4.35
CA ASP A 265 -16.40 -6.32 -3.46
C ASP A 265 -14.94 -6.52 -3.05
N LEU A 266 -14.42 -5.54 -2.34
CA LEU A 266 -13.06 -5.61 -1.83
C LEU A 266 -12.96 -6.77 -0.84
N GLU A 267 -11.99 -7.65 -1.07
CA GLU A 267 -11.73 -8.79 -0.22
C GLU A 267 -10.24 -8.92 0.15
N TYR A 268 -9.97 -9.59 1.28
CA TYR A 268 -8.65 -10.00 1.64
C TYR A 268 -8.19 -11.11 0.64
N ASP A 269 -6.94 -11.05 0.19
CA ASP A 269 -6.42 -12.09 -0.65
C ASP A 269 -6.12 -13.34 0.19
N LYS A 270 -6.50 -14.50 -0.32
CA LYS A 270 -6.34 -15.76 0.43
C LYS A 270 -4.86 -16.08 0.67
N ASP A 271 -4.02 -15.93 -0.35
CA ASP A 271 -2.60 -16.21 -0.16
C ASP A 271 -2.00 -15.27 0.89
N TRP A 272 -2.32 -13.97 0.82
CA TRP A 272 -1.83 -13.03 1.80
C TRP A 272 -2.28 -13.42 3.21
N VAL A 273 -3.54 -13.78 3.31
CA VAL A 273 -4.08 -14.09 4.62
C VAL A 273 -3.32 -15.34 5.17
N CYS A 274 -3.00 -16.30 4.36
CA CYS A 274 -2.20 -17.44 4.82
C CYS A 274 -0.84 -16.99 5.29
N ASN A 275 -0.19 -16.10 4.53
CA ASN A 275 1.09 -15.56 4.98
C ASN A 275 1.03 -14.82 6.27
N LEU A 276 0.02 -13.97 6.41
CA LEU A 276 -0.22 -13.21 7.67
C LEU A 276 -0.37 -14.08 8.95
N ILE A 277 -1.11 -15.17 8.78
CA ILE A 277 -1.39 -16.03 9.92
C ILE A 277 -0.11 -16.85 10.20
N MET A 278 0.47 -17.42 9.15
CA MET A 278 1.68 -18.23 9.34
C MET A 278 2.89 -17.49 9.96
N THR A 279 2.94 -16.14 9.86
CA THR A 279 4.02 -15.32 10.47
C THR A 279 3.70 -14.77 11.79
N TRP A 280 2.56 -15.14 12.38
CA TRP A 280 2.26 -14.60 13.71
C TRP A 280 3.41 -14.65 14.70
N PRO A 281 4.18 -15.77 14.76
CA PRO A 281 5.20 -15.90 15.81
C PRO A 281 6.25 -14.76 15.79
N ALA A 282 6.59 -14.28 14.57
CA ALA A 282 7.50 -13.11 14.38
C ALA A 282 6.87 -11.76 14.80
N PHE A 283 5.54 -11.73 14.89
CA PHE A 283 4.81 -10.51 15.23
C PHE A 283 4.14 -10.58 16.61
N SER A 284 4.50 -11.61 17.40
CA SER A 284 3.94 -11.81 18.76
C SER A 284 4.04 -10.76 19.80
N ASN A 285 5.03 -9.89 19.69
CA ASN A 285 5.22 -8.92 20.71
C ASN A 285 4.72 -7.60 20.21
N LYS A 286 3.60 -7.17 20.78
CA LYS A 286 2.88 -5.98 20.32
C LYS A 286 3.71 -4.72 20.40
N ALA A 287 4.75 -4.69 21.25
CA ALA A 287 5.55 -3.48 21.50
C ALA A 287 6.74 -3.35 20.56
N GLN A 288 7.11 -4.45 19.91
CA GLN A 288 8.24 -4.48 19.01
C GLN A 288 8.17 -5.61 17.98
N PHE A 289 7.95 -5.25 16.70
CA PHE A 289 7.76 -6.23 15.61
C PHE A 289 8.26 -5.78 14.25
N PRO A 290 8.67 -6.72 13.38
CA PRO A 290 8.72 -8.11 13.73
C PRO A 290 9.99 -8.42 14.55
N ASP A 291 10.02 -9.63 15.06
CA ASP A 291 11.08 -10.18 15.90
C ASP A 291 11.86 -11.03 14.94
N LEU A 292 12.97 -10.44 14.55
CA LEU A 292 13.82 -11.00 13.57
C LEU A 292 14.70 -12.11 14.17
N SER A 293 14.60 -12.38 15.46
CA SER A 293 15.16 -13.66 15.96
C SER A 293 14.40 -14.82 15.30
N TYR A 294 13.17 -14.57 14.83
CA TYR A 294 12.44 -15.56 14.02
C TYR A 294 12.76 -15.31 12.56
N SER A 295 12.70 -16.35 11.76
CA SER A 295 12.85 -16.24 10.35
C SER A 295 11.51 -16.28 9.57
N ILE A 296 11.13 -15.15 9.00
CA ILE A 296 9.90 -15.10 8.24
C ILE A 296 9.81 -16.13 7.13
N SER A 297 10.88 -16.32 6.36
CA SER A 297 10.80 -17.27 5.25
C SER A 297 10.67 -18.73 5.74
N GLU A 298 11.24 -18.99 6.91
CA GLU A 298 11.15 -20.31 7.58
C GLU A 298 9.68 -20.51 8.02
N LEU A 299 9.09 -19.47 8.59
CA LEU A 299 7.66 -19.55 8.98
C LEU A 299 6.80 -19.87 7.77
N LEU A 300 7.09 -19.26 6.63
CA LEU A 300 6.22 -19.44 5.45
C LEU A 300 6.40 -20.76 4.78
N SER A 301 7.56 -21.39 5.00
CA SER A 301 7.83 -22.65 4.27
C SER A 301 6.94 -23.77 4.80
N LYS A 302 6.31 -23.56 5.94
CA LYS A 302 5.38 -24.55 6.50
C LYS A 302 3.96 -24.52 5.90
N ARG A 303 3.70 -23.62 4.95
CA ARG A 303 2.39 -23.63 4.37
C ARG A 303 2.12 -24.91 3.53
N THR A 304 0.93 -25.47 3.62
CA THR A 304 0.51 -26.51 2.66
C THR A 304 -0.86 -26.19 2.11
N LYS A 305 -1.19 -26.79 0.99
CA LYS A 305 -2.52 -26.64 0.40
C LYS A 305 -3.61 -26.97 1.43
N GLU A 306 -3.39 -28.06 2.15
CA GLU A 306 -4.41 -28.49 3.10
C GLU A 306 -4.51 -27.55 4.31
N LEU A 307 -3.38 -27.12 4.80
CA LEU A 307 -3.42 -26.21 5.93
C LEU A 307 -3.95 -24.78 5.51
N ASP A 308 -3.67 -24.37 4.27
CA ASP A 308 -4.14 -23.02 3.79
C ASP A 308 -5.68 -23.05 3.81
N LYS A 309 -6.25 -24.21 3.42
CA LYS A 309 -7.68 -24.36 3.38
C LYS A 309 -8.25 -24.12 4.77
N LYS A 310 -7.63 -24.67 5.78
CA LYS A 310 -8.05 -24.44 7.15
C LYS A 310 -7.92 -23.01 7.61
N ILE A 311 -6.82 -22.37 7.23
CA ILE A 311 -6.64 -20.97 7.58
C ILE A 311 -7.79 -20.14 7.04
N ILE A 312 -8.13 -20.35 5.78
CA ILE A 312 -9.18 -19.57 5.11
C ILE A 312 -10.52 -19.84 5.82
N GLU A 313 -10.84 -21.09 6.14
CA GLU A 313 -12.11 -21.34 6.86
C GLU A 313 -12.19 -20.58 8.18
N LEU A 314 -11.11 -20.56 8.94
CA LEU A 314 -11.12 -19.83 10.17
C LEU A 314 -11.18 -18.33 9.95
N TRP A 315 -10.48 -17.85 8.93
CA TRP A 315 -10.53 -16.42 8.67
C TRP A 315 -11.96 -16.06 8.30
N GLU A 316 -12.56 -16.85 7.43
CA GLU A 316 -13.96 -16.62 7.03
C GLU A 316 -14.89 -16.60 8.25
N LYS A 317 -14.69 -17.56 9.14
CA LYS A 317 -15.44 -17.66 10.42
C LYS A 317 -15.30 -16.44 11.31
N TYR A 318 -14.07 -16.03 11.65
CA TYR A 318 -13.88 -14.92 12.59
C TYR A 318 -13.92 -13.54 11.98
N ILE A 319 -13.39 -13.39 10.77
CA ILE A 319 -13.27 -12.03 10.18
C ILE A 319 -14.10 -11.85 8.92
N GLY A 320 -14.08 -12.82 8.03
CA GLY A 320 -14.79 -12.74 6.80
C GLY A 320 -13.85 -12.27 5.71
N LEU A 321 -14.07 -12.70 4.51
CA LEU A 321 -13.18 -12.32 3.39
C LEU A 321 -13.44 -10.94 2.86
N LYS A 322 -14.64 -10.43 3.03
CA LYS A 322 -14.90 -9.05 2.64
C LYS A 322 -14.26 -8.08 3.63
N ILE A 323 -13.59 -7.08 3.09
CA ILE A 323 -13.00 -6.02 3.86
C ILE A 323 -14.08 -4.97 4.10
N ILE A 324 -14.36 -4.72 5.37
CA ILE A 324 -15.52 -3.88 5.70
C ILE A 324 -15.14 -2.82 6.71
N TYR A 325 -15.85 -1.71 6.64
CA TYR A 325 -15.59 -0.55 7.48
C TYR A 325 -15.72 -0.96 8.98
N ASP A 326 -14.85 -0.43 9.81
CA ASP A 326 -14.85 -0.69 11.25
C ASP A 326 -14.82 0.68 11.93
N SER A 327 -15.77 0.93 12.81
CA SER A 327 -15.82 2.22 13.49
C SER A 327 -15.02 2.26 14.78
N ASP A 328 -14.39 1.19 15.24
CA ASP A 328 -13.46 1.35 16.36
C ASP A 328 -12.31 2.31 16.05
N THR A 329 -11.79 2.99 17.07
CA THR A 329 -10.60 3.81 16.91
C THR A 329 -9.41 2.94 16.43
N PHE A 330 -8.38 3.55 15.86
CA PHE A 330 -7.36 2.78 15.14
C PHE A 330 -6.53 1.96 16.10
N ASP A 331 -6.32 2.49 17.30
CA ASP A 331 -5.67 1.70 18.36
C ASP A 331 -6.41 0.42 18.78
N ILE A 332 -7.73 0.46 18.76
CA ILE A 332 -8.55 -0.68 19.08
C ILE A 332 -8.47 -1.67 17.90
N GLN A 333 -8.49 -1.14 16.67
CA GLN A 333 -8.32 -1.97 15.47
C GLN A 333 -7.02 -2.73 15.46
N PHE A 334 -5.94 -2.09 15.87
CA PHE A 334 -4.63 -2.78 16.02
C PHE A 334 -4.77 -4.06 16.89
N THR A 335 -5.35 -3.90 18.07
CA THR A 335 -5.62 -5.02 19.03
C THR A 335 -6.53 -6.13 18.48
N SER A 336 -7.62 -5.72 17.91
CA SER A 336 -8.65 -6.64 17.40
C SER A 336 -8.11 -7.53 16.30
N ARG A 337 -7.50 -6.89 15.31
CA ARG A 337 -6.91 -7.67 14.21
C ARG A 337 -5.82 -8.62 14.68
N ARG A 338 -4.96 -8.16 15.59
CA ARG A 338 -3.87 -9.02 16.05
C ARG A 338 -4.45 -10.15 16.95
N PHE A 339 -5.48 -9.83 17.74
CA PHE A 339 -6.25 -10.90 18.50
C PHE A 339 -6.67 -12.07 17.61
N TYR A 340 -7.32 -11.76 16.48
CA TYR A 340 -7.80 -12.80 15.56
C TYR A 340 -6.69 -13.52 14.77
N ILE A 341 -5.65 -12.78 14.42
CA ILE A 341 -4.50 -13.44 13.82
C ILE A 341 -3.90 -14.51 14.71
N GLU A 342 -3.71 -14.13 15.97
CA GLU A 342 -3.10 -14.97 16.98
C GLU A 342 -4.01 -16.19 17.23
N LYS A 343 -5.31 -15.90 17.37
CA LYS A 343 -6.28 -16.96 17.64
C LYS A 343 -6.34 -17.95 16.52
N ILE A 344 -6.34 -17.50 15.28
CA ILE A 344 -6.35 -18.38 14.18
C ILE A 344 -5.03 -19.23 14.11
N TYR A 345 -3.89 -18.54 14.19
CA TYR A 345 -2.57 -19.22 14.23
C TYR A 345 -2.57 -20.37 15.30
N ASN A 346 -2.96 -20.05 16.51
CA ASN A 346 -3.01 -21.04 17.62
C ASN A 346 -3.94 -22.24 17.33
N GLU A 347 -5.06 -22.01 16.68
CA GLU A 347 -5.95 -23.14 16.29
C GLU A 347 -5.33 -24.12 15.33
N LEU A 348 -4.32 -23.68 14.59
CA LEU A 348 -3.68 -24.59 13.66
C LEU A 348 -2.90 -25.74 14.38
N ASN A 349 -2.46 -25.49 15.60
CA ASN A 349 -1.83 -26.44 16.49
C ASN A 349 -0.44 -26.86 15.95
N ILE A 350 0.29 -25.88 15.44
CA ILE A 350 1.51 -26.15 14.67
C ILE A 350 2.56 -26.39 15.69
N ASN A 351 3.50 -27.31 15.44
CA ASN A 351 4.46 -27.69 16.47
C ASN A 351 5.51 -26.60 16.65
ZN ZN B . 5.05 13.51 -3.43
MN MN C . 6.59 11.14 -1.48
#